data_4S0H
#
_entry.id   4S0H
#
_cell.length_a   70.217
_cell.length_b   78.459
_cell.length_c   78.695
_cell.angle_alpha   90.00
_cell.angle_beta   108.83
_cell.angle_gamma   90.00
#
_symmetry.space_group_name_H-M   'P 1 21 1'
#
loop_
_entity.id
_entity.type
_entity.pdbx_description
1 polymer 'T-box transcription factor TBX5'
2 polymer 'Homeobox protein Nkx-2.5'
3 polymer "5'-D(*TP*CP*TP*CP*AP*CP*AP*CP*CP*TP*TP*TP*GP*AP*AP*GP*TP*GP*G)-3'"
4 polymer "5'-D(*CP*CP*AP*CP*TP*TP*CP*AP*AP*AP*GP*GP*TP*GP*TP*GP*AP*GP*A)-3'"
5 water water
#
loop_
_entity_poly.entity_id
_entity_poly.type
_entity_poly.pdbx_seq_one_letter_code
_entity_poly.pdbx_strand_id
1 'polypeptide(L)'
;GIKVFLHERELWLKFHEVGTEMIITKAGRRMFPSYKVKVTGLNPKTKYILLMDIVPADDHRYKFADNKWSVTGKAEPAMP
GRLYVHPDSPATGAHWMRQLVSFQKLKLTNNHLDPFGHIILNSMHKYQPRLHIVKADENNGFGSKNTAFCTHVFPETAFI
AVTSYQNHKITQLKIENNPFAKGFRG
;
A,E
2 'polypeptide(L)' RVLFSQAQVYELERRFKQQRYLSAPERDQLASVLKLTSTQVKIWFQNRRYKSK B,F
3 'polydeoxyribonucleotide' (DT)(DC)(DT)(DC)(DA)(DC)(DA)(DC)(DC)(DT)(DT)(DT)(DG)(DA)(DA)(DG)(DT)(DG)(DG) C,G
4 'polydeoxyribonucleotide' (DC)(DC)(DA)(DC)(DT)(DT)(DC)(DA)(DA)(DA)(DG)(DG)(DT)(DG)(DT)(DG)(DA)(DG)(DA) D,H
#
# COMPACT_ATOMS: atom_id res chain seq x y z
N GLY A 1 -18.11 21.36 -1.33
CA GLY A 1 -16.76 20.85 -1.52
C GLY A 1 -16.74 19.57 -2.34
N ILE A 2 -15.65 18.81 -2.21
CA ILE A 2 -15.47 17.57 -2.96
C ILE A 2 -16.62 16.61 -2.69
N LYS A 3 -17.12 15.96 -3.73
CA LYS A 3 -18.16 14.96 -3.55
C LYS A 3 -18.03 13.86 -4.61
N VAL A 4 -18.50 12.66 -4.27
CA VAL A 4 -18.24 11.46 -5.04
C VAL A 4 -19.55 10.72 -5.32
N PHE A 5 -19.68 10.17 -6.52
CA PHE A 5 -20.92 9.50 -6.90
C PHE A 5 -20.63 8.12 -7.39
N LEU A 6 -21.33 7.14 -6.84
CA LEU A 6 -21.07 5.76 -7.20
C LEU A 6 -21.65 5.46 -8.57
N HIS A 7 -20.77 5.17 -9.51
CA HIS A 7 -21.20 4.78 -10.83
C HIS A 7 -21.89 3.42 -10.77
N GLU A 8 -22.91 3.28 -11.59
CA GLU A 8 -23.68 2.05 -11.69
C GLU A 8 -24.29 1.69 -10.35
N ARG A 9 -24.84 2.66 -9.65
CA ARG A 9 -25.38 2.44 -8.31
C ARG A 9 -26.52 1.44 -8.32
N GLU A 10 -27.35 1.53 -9.36
CA GLU A 10 -28.53 0.68 -9.51
C GLU A 10 -28.14 -0.78 -9.51
N LEU A 11 -27.15 -1.15 -10.32
CA LEU A 11 -26.61 -2.51 -10.30
C LEU A 11 -26.11 -2.94 -8.91
N TRP A 12 -25.38 -2.05 -8.23
CA TRP A 12 -24.94 -2.33 -6.88
C TRP A 12 -26.13 -2.66 -5.99
N LEU A 13 -27.19 -1.87 -6.10
CA LEU A 13 -28.38 -2.06 -5.28
C LEU A 13 -29.09 -3.38 -5.57
N LYS A 14 -29.01 -3.88 -6.79
CA LYS A 14 -29.60 -5.18 -7.04
C LYS A 14 -28.82 -6.22 -6.25
N PHE A 15 -27.57 -5.92 -5.91
CA PHE A 15 -26.73 -6.84 -5.14
C PHE A 15 -26.88 -6.63 -3.65
N HIS A 16 -26.97 -5.36 -3.25
CA HIS A 16 -27.06 -5.03 -1.84
C HIS A 16 -28.32 -5.56 -1.20
N GLU A 17 -29.28 -5.99 -2.01
CA GLU A 17 -30.54 -6.46 -1.48
C GLU A 17 -30.67 -7.96 -1.63
N VAL A 18 -29.55 -8.66 -1.58
CA VAL A 18 -29.57 -10.13 -1.55
C VAL A 18 -28.47 -10.58 -0.59
N GLY A 19 -27.52 -9.67 -0.35
CA GLY A 19 -26.36 -9.96 0.47
C GLY A 19 -25.17 -10.19 -0.43
N THR A 20 -24.53 -9.09 -0.83
CA THR A 20 -23.41 -9.14 -1.77
C THR A 20 -22.32 -10.05 -1.28
N GLU A 21 -22.02 -11.09 -2.05
CA GLU A 21 -20.88 -11.92 -1.76
C GLU A 21 -19.80 -11.60 -2.76
N MET A 22 -18.55 -11.52 -2.29
CA MET A 22 -17.40 -11.46 -3.19
C MET A 22 -16.54 -12.69 -2.98
N ILE A 23 -16.12 -13.30 -4.09
CA ILE A 23 -15.17 -14.39 -4.02
C ILE A 23 -13.77 -13.84 -3.73
N ILE A 24 -13.08 -14.47 -2.79
CA ILE A 24 -11.66 -14.26 -2.64
C ILE A 24 -10.96 -15.55 -3.03
N THR A 25 -9.76 -15.44 -3.59
CA THR A 25 -8.93 -16.61 -3.85
C THR A 25 -7.49 -16.25 -3.52
N LYS A 26 -6.60 -17.22 -3.66
CA LYS A 26 -5.21 -17.06 -3.27
C LYS A 26 -4.47 -16.21 -4.29
N ALA A 27 -4.84 -16.35 -5.56
CA ALA A 27 -4.22 -15.57 -6.63
C ALA A 27 -4.70 -14.13 -6.59
N GLY A 28 -5.90 -13.94 -6.06
CA GLY A 28 -6.52 -12.65 -6.06
C GLY A 28 -7.66 -12.69 -7.05
N ARG A 29 -8.80 -12.14 -6.67
CA ARG A 29 -9.98 -12.16 -7.51
C ARG A 29 -10.57 -10.77 -7.58
N ARG A 30 -11.14 -10.41 -8.71
CA ARG A 30 -11.64 -9.06 -8.90
C ARG A 30 -12.90 -8.89 -8.14
N MET A 31 -13.37 -7.67 -8.02
CA MET A 31 -14.70 -7.46 -7.50
C MET A 31 -15.70 -7.40 -8.64
N PHE A 32 -16.78 -8.14 -8.54
CA PHE A 32 -17.96 -7.78 -9.30
C PHE A 32 -19.12 -7.44 -8.37
N PRO A 33 -19.73 -6.26 -8.55
CA PRO A 33 -19.46 -5.28 -9.60
C PRO A 33 -18.11 -4.62 -9.42
N SER A 34 -17.74 -3.84 -10.41
CA SER A 34 -16.52 -3.06 -10.37
C SER A 34 -16.80 -1.79 -9.59
N TYR A 35 -15.85 -1.34 -8.79
CA TYR A 35 -16.02 -0.11 -8.04
C TYR A 35 -15.57 1.06 -8.92
N LYS A 36 -16.51 1.84 -9.44
CA LYS A 36 -16.14 3.02 -10.21
C LYS A 36 -16.87 4.23 -9.67
N VAL A 37 -16.25 5.41 -9.76
CA VAL A 37 -16.83 6.62 -9.20
C VAL A 37 -16.64 7.85 -10.07
N LYS A 38 -17.53 8.84 -9.99
CA LYS A 38 -17.23 10.14 -10.58
C LYS A 38 -16.85 11.08 -9.46
N VAL A 39 -15.78 11.84 -9.64
CA VAL A 39 -15.34 12.76 -8.62
C VAL A 39 -15.49 14.21 -9.09
N THR A 40 -15.85 15.09 -8.16
CA THR A 40 -16.06 16.52 -8.47
C THR A 40 -15.71 17.40 -7.28
N GLY A 41 -14.97 18.47 -7.50
CA GLY A 41 -14.65 19.39 -6.42
C GLY A 41 -13.16 19.61 -6.26
N LEU A 42 -12.35 18.66 -6.74
CA LEU A 42 -10.91 18.78 -6.63
C LEU A 42 -10.43 20.02 -7.36
N ASN A 43 -9.47 20.71 -6.75
CA ASN A 43 -8.71 21.76 -7.42
C ASN A 43 -7.98 21.13 -8.58
N PRO A 44 -8.28 21.58 -9.80
CA PRO A 44 -7.75 20.92 -10.99
C PRO A 44 -6.23 20.99 -11.14
N LYS A 45 -5.56 21.95 -10.53
CA LYS A 45 -4.11 22.02 -10.66
C LYS A 45 -3.36 21.28 -9.51
N THR A 46 -4.11 20.85 -8.50
CA THR A 46 -3.56 20.10 -7.36
C THR A 46 -3.33 18.63 -7.71
N LYS A 47 -2.23 18.04 -7.24
CA LYS A 47 -2.02 16.62 -7.44
C LYS A 47 -2.56 15.78 -6.25
N TYR A 48 -3.25 14.70 -6.58
CA TYR A 48 -3.84 13.82 -5.58
C TYR A 48 -3.50 12.35 -5.80
N ILE A 49 -3.64 11.59 -4.72
CA ILE A 49 -3.56 10.13 -4.73
C ILE A 49 -4.95 9.64 -4.39
N LEU A 50 -5.40 8.62 -5.09
CA LEU A 50 -6.67 8.01 -4.75
C LEU A 50 -6.41 6.58 -4.33
N LEU A 51 -6.61 6.31 -3.05
CA LEU A 51 -6.45 4.99 -2.50
C LEU A 51 -7.80 4.37 -2.28
N MET A 52 -7.84 3.05 -2.33
CA MET A 52 -9.01 2.34 -1.89
C MET A 52 -8.59 1.56 -0.66
N ASP A 53 -9.56 1.32 0.20
CA ASP A 53 -9.33 0.68 1.46
C ASP A 53 -10.55 -0.18 1.77
N ILE A 54 -10.34 -1.36 2.32
CA ILE A 54 -11.47 -2.18 2.76
C ILE A 54 -11.42 -2.42 4.28
N VAL A 55 -12.54 -2.15 4.95
CA VAL A 55 -12.55 -2.21 6.41
C VAL A 55 -13.76 -2.99 6.90
N PRO A 56 -13.62 -3.70 8.04
CA PRO A 56 -14.68 -4.48 8.67
C PRO A 56 -16.04 -3.77 8.78
N ALA A 57 -17.09 -4.41 8.28
CA ALA A 57 -18.45 -3.85 8.41
C ALA A 57 -18.97 -4.03 9.86
N ASP A 58 -18.69 -5.20 10.44
CA ASP A 58 -18.96 -5.47 11.86
C ASP A 58 -17.84 -6.32 12.50
N ASP A 59 -18.09 -6.83 13.69
CA ASP A 59 -17.14 -7.76 14.31
C ASP A 59 -17.77 -9.12 14.60
N HIS A 60 -18.20 -9.79 13.53
CA HIS A 60 -18.85 -11.09 13.62
C HIS A 60 -18.35 -12.04 12.55
N ARG A 61 -18.27 -13.32 12.87
CA ARG A 61 -18.17 -14.36 11.86
C ARG A 61 -19.60 -14.62 11.42
N TYR A 62 -19.77 -15.30 10.29
CA TYR A 62 -21.10 -15.63 9.82
C TYR A 62 -21.14 -17.04 9.28
N LYS A 63 -22.36 -17.51 9.02
CA LYS A 63 -22.55 -18.78 8.35
C LYS A 63 -23.81 -18.69 7.52
N PHE A 64 -23.82 -19.42 6.42
CA PHE A 64 -24.99 -19.50 5.56
C PHE A 64 -25.50 -20.90 5.71
N ALA A 65 -26.69 -21.02 6.29
CA ALA A 65 -27.36 -22.31 6.43
C ALA A 65 -28.85 -22.05 6.35
N ASP A 66 -29.59 -23.00 5.79
CA ASP A 66 -31.04 -22.86 5.67
C ASP A 66 -31.44 -21.59 4.91
N ASN A 67 -30.69 -21.23 3.86
CA ASN A 67 -31.09 -20.12 2.98
C ASN A 67 -31.18 -18.78 3.75
N LYS A 68 -30.21 -18.55 4.61
CA LYS A 68 -30.20 -17.40 5.52
C LYS A 68 -28.76 -17.15 5.96
N TRP A 69 -28.40 -15.90 6.26
CA TRP A 69 -27.14 -15.66 6.97
C TRP A 69 -27.47 -15.68 8.46
N SER A 70 -26.47 -15.92 9.31
CA SER A 70 -26.65 -15.76 10.76
C SER A 70 -25.30 -15.67 11.46
N VAL A 71 -25.20 -14.75 12.42
CA VAL A 71 -23.99 -14.57 13.21
C VAL A 71 -23.69 -15.82 14.01
N THR A 72 -22.44 -16.27 13.98
CA THR A 72 -22.04 -17.44 14.74
C THR A 72 -20.67 -17.25 15.39
N GLY A 73 -20.48 -16.08 16.00
CA GLY A 73 -19.26 -15.80 16.72
C GLY A 73 -18.75 -14.40 16.48
N LYS A 74 -17.61 -14.08 17.11
CA LYS A 74 -16.97 -12.79 16.93
C LYS A 74 -15.99 -12.88 15.78
N ALA A 75 -15.87 -11.80 15.01
CA ALA A 75 -14.92 -11.74 13.90
C ALA A 75 -13.52 -12.00 14.40
N GLU A 76 -12.83 -12.96 13.77
CA GLU A 76 -11.50 -13.36 14.22
C GLU A 76 -10.43 -12.28 13.93
N PRO A 77 -9.20 -12.43 14.51
CA PRO A 77 -8.30 -11.28 14.40
C PRO A 77 -7.78 -11.08 13.01
N ALA A 78 -8.58 -10.38 12.23
CA ALA A 78 -8.25 -10.11 10.85
C ALA A 78 -7.48 -8.81 10.87
N MET A 79 -6.70 -8.42 9.84
CA MET A 79 -5.97 -9.17 8.78
C MET A 79 -4.97 -8.11 8.34
N PRO A 80 -3.79 -8.49 7.81
CA PRO A 80 -2.72 -7.50 7.57
C PRO A 80 -3.16 -6.27 6.78
N GLY A 81 -3.27 -5.12 7.43
CA GLY A 81 -3.78 -3.92 6.75
C GLY A 81 -3.13 -3.69 5.40
N ARG A 82 -3.93 -3.32 4.39
CA ARG A 82 -3.40 -3.12 3.05
C ARG A 82 -4.21 -2.08 2.30
N LEU A 83 -3.55 -1.33 1.42
CA LEU A 83 -4.25 -0.30 0.66
C LEU A 83 -4.16 -0.56 -0.85
N TYR A 84 -5.06 0.05 -1.63
CA TYR A 84 -4.97 -0.07 -3.10
C TYR A 84 -4.75 1.32 -3.67
N VAL A 85 -3.52 1.60 -4.03
CA VAL A 85 -3.21 2.89 -4.61
C VAL A 85 -3.62 2.86 -6.08
N HIS A 86 -4.62 3.66 -6.46
CA HIS A 86 -5.06 3.69 -7.85
C HIS A 86 -3.90 3.97 -8.80
N PRO A 87 -3.72 3.13 -9.83
CA PRO A 87 -2.54 3.16 -10.70
C PRO A 87 -2.34 4.48 -11.50
N ASP A 88 -3.33 5.34 -11.54
CA ASP A 88 -3.15 6.65 -12.15
C ASP A 88 -2.54 7.66 -11.17
N SER A 89 -2.41 7.30 -9.90
CA SER A 89 -1.82 8.18 -8.89
C SER A 89 -0.32 8.41 -9.09
N PRO A 90 0.20 9.58 -8.70
CA PRO A 90 -0.56 10.78 -8.36
C PRO A 90 -0.92 11.53 -9.63
N ALA A 91 -1.96 12.36 -9.58
CA ALA A 91 -2.47 12.98 -10.78
C ALA A 91 -3.24 14.24 -10.44
N THR A 92 -3.23 15.19 -11.38
CA THR A 92 -3.97 16.43 -11.19
C THR A 92 -5.44 16.15 -11.01
N GLY A 93 -6.10 16.91 -10.15
CA GLY A 93 -7.54 16.78 -9.96
C GLY A 93 -8.27 16.71 -11.30
N ALA A 94 -7.77 17.47 -12.28
CA ALA A 94 -8.32 17.52 -13.62
C ALA A 94 -8.40 16.16 -14.29
N HIS A 95 -7.29 15.44 -14.21
CA HIS A 95 -7.20 14.05 -14.63
C HIS A 95 -8.23 13.15 -13.93
N TRP A 96 -8.41 13.36 -12.62
CA TRP A 96 -9.33 12.52 -11.82
C TRP A 96 -10.79 12.75 -12.17
N MET A 97 -11.17 14.02 -12.32
CA MET A 97 -12.54 14.38 -12.67
C MET A 97 -12.91 14.16 -14.15
N ARG A 98 -11.90 14.16 -15.03
CA ARG A 98 -12.08 14.05 -16.49
C ARG A 98 -13.16 13.02 -16.85
N GLN A 99 -12.93 11.74 -16.56
CA GLN A 99 -14.02 10.76 -16.54
C GLN A 99 -13.79 9.71 -15.49
N LEU A 100 -14.76 8.81 -15.32
CA LEU A 100 -14.79 7.87 -14.20
C LEU A 100 -13.44 7.37 -13.73
N VAL A 101 -13.25 7.39 -12.41
CA VAL A 101 -12.16 6.68 -11.76
C VAL A 101 -12.61 5.24 -11.64
N SER A 102 -11.89 4.32 -12.26
CA SER A 102 -12.22 2.92 -12.08
C SER A 102 -11.30 2.21 -11.11
N PHE A 103 -11.88 1.42 -10.22
CA PHE A 103 -11.11 0.56 -9.31
C PHE A 103 -11.34 -0.88 -9.69
N GLN A 104 -11.24 -1.17 -10.98
CA GLN A 104 -11.60 -2.48 -11.47
C GLN A 104 -10.45 -3.47 -11.42
N LYS A 105 -9.20 -2.99 -11.42
CA LYS A 105 -8.05 -3.90 -11.37
C LYS A 105 -7.65 -4.30 -9.94
N LEU A 106 -8.41 -3.83 -8.95
CA LEU A 106 -8.22 -4.22 -7.56
C LEU A 106 -8.57 -5.70 -7.29
N LYS A 107 -7.72 -6.41 -6.55
CA LYS A 107 -7.99 -7.83 -6.38
C LYS A 107 -7.98 -8.28 -4.91
N LEU A 108 -8.81 -9.25 -4.61
CA LEU A 108 -9.02 -9.64 -3.23
C LEU A 108 -8.39 -10.99 -3.03
N THR A 109 -7.64 -11.14 -1.95
CA THR A 109 -7.01 -12.42 -1.70
C THR A 109 -7.36 -12.93 -0.31
N ASN A 110 -7.28 -14.25 -0.14
CA ASN A 110 -7.48 -14.88 1.15
C ASN A 110 -6.15 -15.23 1.78
N ASN A 111 -5.09 -15.08 1.00
CA ASN A 111 -3.73 -15.42 1.41
C ASN A 111 -3.14 -14.35 2.34
N HIS A 112 -2.70 -14.74 3.53
CA HIS A 112 -2.30 -13.77 4.54
C HIS A 112 -0.82 -13.42 4.45
N LEU A 113 -0.15 -14.06 3.50
CA LEU A 113 1.27 -13.86 3.30
C LEU A 113 1.56 -13.49 1.85
N ASP A 114 0.52 -12.93 1.21
CA ASP A 114 0.47 -12.56 -0.20
C ASP A 114 1.57 -11.60 -0.65
N PRO A 115 2.24 -11.96 -1.77
CA PRO A 115 3.33 -11.23 -2.43
C PRO A 115 2.91 -10.41 -3.65
N PHE A 116 1.71 -9.84 -3.63
CA PHE A 116 1.23 -9.11 -4.80
C PHE A 116 0.68 -7.73 -4.44
N GLY A 117 0.60 -7.42 -3.14
CA GLY A 117 0.06 -6.15 -2.66
C GLY A 117 -1.44 -6.05 -2.93
N HIS A 118 -2.05 -7.20 -3.18
CA HIS A 118 -3.51 -7.34 -3.24
C HIS A 118 -4.10 -7.15 -1.85
N ILE A 119 -5.39 -6.81 -1.77
CA ILE A 119 -6.05 -6.64 -0.49
C ILE A 119 -6.44 -7.96 0.14
N ILE A 120 -5.98 -8.20 1.38
CA ILE A 120 -6.23 -9.45 2.10
C ILE A 120 -7.51 -9.41 2.90
N LEU A 121 -8.32 -10.44 2.75
CA LEU A 121 -9.59 -10.54 3.46
C LEU A 121 -9.74 -11.88 4.20
N ASN A 122 -10.72 -11.92 5.08
CA ASN A 122 -10.97 -13.11 5.85
C ASN A 122 -12.31 -13.68 5.40
N SER A 123 -12.32 -14.94 4.99
CA SER A 123 -13.54 -15.55 4.53
C SER A 123 -14.68 -15.44 5.54
N MET A 124 -15.89 -15.24 5.05
CA MET A 124 -17.09 -15.16 5.87
C MET A 124 -17.16 -14.00 6.90
N HIS A 125 -16.52 -12.88 6.60
CA HIS A 125 -16.74 -11.64 7.33
C HIS A 125 -17.31 -10.54 6.39
N LYS A 126 -18.07 -9.60 6.94
CA LYS A 126 -18.58 -8.51 6.13
C LYS A 126 -17.55 -7.39 6.05
N TYR A 127 -17.43 -6.75 4.88
CA TYR A 127 -16.47 -5.68 4.67
C TYR A 127 -17.10 -4.45 4.04
N GLN A 128 -16.39 -3.33 4.09
CA GLN A 128 -16.92 -2.06 3.64
C GLN A 128 -15.84 -1.27 2.90
N PRO A 129 -16.02 -1.06 1.58
CA PRO A 129 -15.00 -0.36 0.81
C PRO A 129 -15.00 1.15 1.05
N ARG A 130 -13.81 1.74 1.19
CA ARG A 130 -13.66 3.18 1.36
C ARG A 130 -12.71 3.71 0.31
N LEU A 131 -13.06 4.85 -0.28
CA LEU A 131 -12.15 5.58 -1.13
C LEU A 131 -11.52 6.72 -0.34
N HIS A 132 -10.22 6.89 -0.49
CA HIS A 132 -9.55 8.03 0.11
C HIS A 132 -8.95 8.94 -0.96
N ILE A 133 -9.24 10.22 -0.89
CA ILE A 133 -8.53 11.15 -1.72
C ILE A 133 -7.55 11.83 -0.84
N VAL A 134 -6.28 11.70 -1.21
CA VAL A 134 -5.15 12.24 -0.45
C VAL A 134 -4.34 13.17 -1.34
N LYS A 135 -3.87 14.29 -0.80
CA LYS A 135 -2.96 15.16 -1.53
C LYS A 135 -1.54 14.63 -1.64
N ALA A 136 -0.85 14.88 -2.75
CA ALA A 136 0.59 14.65 -2.82
C ALA A 136 1.34 15.98 -2.95
N THR A 147 -3.61 15.26 7.74
CA THR A 147 -4.20 16.55 8.11
C THR A 147 -5.62 16.57 7.53
N ALA A 148 -5.77 15.98 6.33
CA ALA A 148 -6.79 16.44 5.39
C ALA A 148 -7.47 15.41 4.47
N PHE A 149 -6.98 14.17 4.38
CA PHE A 149 -7.54 13.35 3.29
C PHE A 149 -8.92 12.80 3.66
N CYS A 150 -9.86 13.02 2.74
CA CYS A 150 -11.27 12.73 2.96
C CYS A 150 -11.65 11.35 2.44
N THR A 151 -12.73 10.83 3.00
CA THR A 151 -13.08 9.44 2.84
C THR A 151 -14.57 9.36 2.53
N HIS A 152 -14.93 8.60 1.51
CA HIS A 152 -16.35 8.42 1.22
C HIS A 152 -16.74 6.95 1.29
N VAL A 153 -17.88 6.70 1.90
CA VAL A 153 -18.38 5.34 2.02
C VAL A 153 -19.72 5.24 1.33
N PHE A 154 -19.89 4.20 0.52
CA PHE A 154 -21.20 3.91 -0.03
C PHE A 154 -21.68 2.58 0.56
N PRO A 155 -22.53 2.67 1.59
CA PRO A 155 -23.17 1.57 2.29
C PRO A 155 -23.51 0.40 1.41
N GLU A 156 -23.96 0.66 0.18
CA GLU A 156 -24.45 -0.42 -0.69
C GLU A 156 -23.33 -1.22 -1.31
N THR A 157 -22.10 -0.75 -1.13
CA THR A 157 -20.93 -1.50 -1.58
C THR A 157 -20.41 -2.48 -0.53
N ALA A 158 -21.07 -2.60 0.62
CA ALA A 158 -20.64 -3.55 1.66
C ALA A 158 -20.89 -4.96 1.20
N PHE A 159 -20.01 -5.88 1.56
CA PHE A 159 -20.15 -7.24 1.06
C PHE A 159 -19.62 -8.24 2.06
N ILE A 160 -19.80 -9.52 1.75
CA ILE A 160 -19.33 -10.60 2.59
C ILE A 160 -18.29 -11.40 1.81
N ALA A 161 -17.08 -11.53 2.34
CA ALA A 161 -16.05 -12.27 1.61
C ALA A 161 -16.33 -13.76 1.69
N VAL A 162 -16.31 -14.45 0.55
CA VAL A 162 -16.55 -15.88 0.58
C VAL A 162 -15.52 -16.59 -0.26
N THR A 163 -15.42 -17.89 -0.09
CA THR A 163 -14.44 -18.65 -0.85
C THR A 163 -15.12 -19.29 -2.04
N SER A 164 -16.44 -19.35 -1.96
CA SER A 164 -17.28 -19.80 -3.04
C SER A 164 -18.67 -19.31 -2.74
N TYR A 165 -19.45 -19.06 -3.78
CA TYR A 165 -20.77 -18.51 -3.55
C TYR A 165 -21.65 -19.43 -2.69
N GLN A 166 -22.34 -18.83 -1.73
CA GLN A 166 -23.29 -19.53 -0.88
C GLN A 166 -24.71 -19.35 -1.45
N ASN A 167 -25.24 -18.14 -1.30
CA ASN A 167 -26.59 -17.84 -1.78
C ASN A 167 -26.65 -17.97 -3.29
N HIS A 168 -27.28 -19.03 -3.79
CA HIS A 168 -27.28 -19.30 -5.23
C HIS A 168 -27.97 -18.17 -6.01
N LYS A 169 -28.76 -17.36 -5.33
CA LYS A 169 -29.36 -16.23 -6.01
C LYS A 169 -28.24 -15.37 -6.55
N ILE A 170 -27.32 -14.97 -5.67
CA ILE A 170 -26.13 -14.19 -6.04
C ILE A 170 -25.39 -14.79 -7.25
N THR A 171 -25.05 -16.07 -7.20
CA THR A 171 -24.36 -16.70 -8.34
C THR A 171 -25.03 -16.31 -9.65
N GLN A 172 -26.34 -16.56 -9.74
CA GLN A 172 -27.10 -16.19 -10.94
C GLN A 172 -27.10 -14.68 -11.20
N LEU A 173 -27.03 -13.87 -10.15
CA LEU A 173 -26.99 -12.43 -10.35
C LEU A 173 -25.65 -12.03 -11.00
N LYS A 174 -24.57 -12.70 -10.57
CA LYS A 174 -23.26 -12.45 -11.18
C LYS A 174 -23.27 -12.91 -12.61
N ILE A 175 -23.88 -14.07 -12.87
CA ILE A 175 -23.78 -14.66 -14.20
C ILE A 175 -24.53 -13.86 -15.24
N GLU A 176 -25.70 -13.34 -14.90
CA GLU A 176 -26.41 -12.49 -15.85
C GLU A 176 -25.72 -11.14 -16.09
N ASN A 177 -24.95 -10.63 -15.14
CA ASN A 177 -24.44 -9.26 -15.25
C ASN A 177 -22.92 -9.10 -15.48
N ASN A 178 -22.16 -10.17 -15.28
CA ASN A 178 -20.70 -10.07 -15.45
C ASN A 178 -20.30 -10.72 -16.74
N PRO A 179 -19.92 -9.87 -17.73
CA PRO A 179 -19.60 -10.22 -19.11
C PRO A 179 -18.60 -11.36 -19.22
N PHE A 180 -17.69 -11.49 -18.27
CA PHE A 180 -16.73 -12.59 -18.34
C PHE A 180 -17.39 -13.91 -18.02
N ALA A 181 -18.57 -13.86 -17.42
CA ALA A 181 -19.26 -15.09 -17.06
C ALA A 181 -20.32 -15.45 -18.09
N LYS A 182 -20.11 -15.13 -19.36
CA LYS A 182 -21.28 -15.17 -20.24
C LYS A 182 -21.55 -16.60 -20.68
N GLY A 183 -20.58 -17.50 -20.53
CA GLY A 183 -20.74 -18.91 -20.93
C GLY A 183 -21.55 -19.67 -19.91
N PHE A 184 -22.36 -18.97 -19.13
CA PHE A 184 -23.13 -19.61 -18.09
C PHE A 184 -24.55 -19.13 -18.13
N ARG A 185 -24.83 -18.20 -19.02
CA ARG A 185 -26.17 -17.66 -19.14
C ARG A 185 -27.07 -18.65 -19.88
N GLY A 186 -28.19 -18.16 -20.39
CA GLY A 186 -29.16 -18.99 -21.09
C GLY A 186 -28.64 -19.70 -22.34
N ARG B 1 1.40 -12.27 -32.51
CA ARG B 1 1.81 -10.99 -31.96
C ARG B 1 2.92 -11.15 -30.92
N VAL B 2 3.90 -10.23 -30.93
CA VAL B 2 4.84 -10.12 -29.82
C VAL B 2 4.52 -8.86 -28.99
N LEU B 3 4.21 -9.06 -27.71
CA LEU B 3 3.89 -7.95 -26.84
C LEU B 3 5.16 -7.31 -26.31
N PHE B 4 5.03 -6.11 -25.76
CA PHE B 4 6.19 -5.43 -25.25
C PHE B 4 6.48 -5.91 -23.82
N SER B 5 7.77 -5.88 -23.46
CA SER B 5 8.19 -6.41 -22.19
C SER B 5 7.64 -5.60 -21.05
N GLN B 6 7.59 -6.20 -19.88
CA GLN B 6 7.28 -5.53 -18.63
C GLN B 6 8.02 -4.19 -18.54
N ALA B 7 9.34 -4.26 -18.73
CA ALA B 7 10.22 -3.09 -18.78
C ALA B 7 9.68 -1.98 -19.65
N GLN B 8 9.56 -2.27 -20.94
CA GLN B 8 9.21 -1.29 -21.98
C GLN B 8 7.91 -0.53 -21.72
N VAL B 9 6.84 -1.28 -21.47
CA VAL B 9 5.52 -0.71 -21.29
C VAL B 9 5.52 0.29 -20.15
N TYR B 10 6.20 -0.06 -19.07
CA TYR B 10 6.32 0.82 -17.92
C TYR B 10 7.00 2.12 -18.28
N GLU B 11 8.05 2.00 -19.08
CA GLU B 11 8.84 3.16 -19.46
C GLU B 11 8.12 4.05 -20.48
N LEU B 12 7.41 3.43 -21.43
CA LEU B 12 6.50 4.16 -22.30
C LEU B 12 5.39 4.87 -21.51
N GLU B 13 4.84 4.18 -20.51
CA GLU B 13 3.69 4.73 -19.79
C GLU B 13 4.07 5.96 -18.97
N ARG B 14 5.24 5.91 -18.37
CA ARG B 14 5.75 7.01 -17.57
C ARG B 14 5.97 8.26 -18.42
N ARG B 15 6.49 8.08 -19.61
CA ARG B 15 6.74 9.20 -20.51
C ARG B 15 5.42 9.84 -20.95
N PHE B 16 4.42 9.00 -21.16
CA PHE B 16 3.11 9.47 -21.61
C PHE B 16 2.40 10.24 -20.51
N LYS B 17 2.70 9.90 -19.27
CA LYS B 17 2.12 10.60 -18.13
C LYS B 17 2.63 12.02 -18.12
N GLN B 18 3.76 12.23 -18.78
CA GLN B 18 4.42 13.54 -18.84
C GLN B 18 4.07 14.34 -20.11
N GLN B 19 4.68 13.97 -21.22
CA GLN B 19 4.33 14.47 -22.54
C GLN B 19 3.39 13.49 -23.26
N ARG B 20 2.19 13.90 -23.65
CA ARG B 20 1.41 12.96 -24.47
C ARG B 20 1.62 13.12 -25.99
N TYR B 21 2.57 13.97 -26.40
CA TYR B 21 3.02 14.07 -27.79
C TYR B 21 4.53 14.16 -27.84
N LEU B 22 5.16 13.42 -28.75
CA LEU B 22 6.60 13.42 -28.85
C LEU B 22 7.05 14.07 -30.15
N SER B 23 8.29 14.54 -30.17
CA SER B 23 8.84 15.11 -31.39
C SER B 23 9.54 14.04 -32.21
N ALA B 24 10.10 14.44 -33.34
CA ALA B 24 10.74 13.51 -34.25
C ALA B 24 11.97 12.85 -33.62
N PRO B 25 12.90 13.63 -33.03
CA PRO B 25 14.04 12.94 -32.41
C PRO B 25 13.74 12.40 -31.01
N GLU B 26 12.79 13.03 -30.30
CA GLU B 26 12.33 12.49 -29.03
C GLU B 26 11.87 11.05 -29.16
N ARG B 27 11.22 10.71 -30.27
CA ARG B 27 10.84 9.33 -30.51
C ARG B 27 12.05 8.42 -30.71
N ASP B 28 13.20 8.98 -31.05
CA ASP B 28 14.35 8.14 -31.36
C ASP B 28 15.15 7.84 -30.13
N GLN B 29 15.38 8.86 -29.31
CA GLN B 29 16.08 8.69 -28.05
C GLN B 29 15.35 7.61 -27.26
N LEU B 30 14.03 7.70 -27.23
CA LEU B 30 13.20 6.79 -26.46
C LEU B 30 13.18 5.40 -27.09
N ALA B 31 13.12 5.34 -28.42
CA ALA B 31 13.15 4.07 -29.15
C ALA B 31 14.34 3.21 -28.80
N SER B 32 15.53 3.76 -29.01
CA SER B 32 16.77 3.06 -28.71
C SER B 32 16.79 2.57 -27.27
N VAL B 33 16.56 3.49 -26.33
CA VAL B 33 16.59 3.17 -24.91
C VAL B 33 15.84 1.89 -24.59
N LEU B 34 14.62 1.78 -25.11
CA LEU B 34 13.75 0.63 -24.85
C LEU B 34 13.99 -0.50 -25.85
N LYS B 35 14.79 -0.20 -26.88
CA LYS B 35 15.15 -1.14 -27.94
C LYS B 35 13.93 -1.61 -28.74
N LEU B 36 13.27 -0.62 -29.32
CA LEU B 36 12.17 -0.80 -30.26
C LEU B 36 12.37 0.17 -31.44
N THR B 37 11.88 -0.21 -32.62
CA THR B 37 11.86 0.71 -33.74
C THR B 37 11.10 1.97 -33.33
N SER B 38 11.56 3.13 -33.79
CA SER B 38 10.92 4.41 -33.48
C SER B 38 9.52 4.49 -34.08
N THR B 39 9.26 3.60 -35.04
CA THR B 39 7.93 3.39 -35.57
C THR B 39 6.99 2.95 -34.46
N GLN B 40 7.41 1.90 -33.77
CA GLN B 40 6.65 1.26 -32.70
C GLN B 40 6.30 2.20 -31.56
N VAL B 41 7.22 3.10 -31.25
CA VAL B 41 6.99 4.14 -30.26
C VAL B 41 5.97 5.17 -30.74
N LYS B 42 6.09 5.58 -32.00
CA LYS B 42 5.14 6.51 -32.60
C LYS B 42 3.74 5.96 -32.54
N ILE B 43 3.63 4.70 -32.95
CA ILE B 43 2.38 3.99 -32.98
C ILE B 43 1.83 3.70 -31.58
N TRP B 44 2.73 3.49 -30.64
CA TRP B 44 2.30 3.27 -29.29
C TRP B 44 1.64 4.55 -28.80
N PHE B 45 2.29 5.68 -29.01
CA PHE B 45 1.75 6.91 -28.50
C PHE B 45 0.41 7.16 -29.16
N GLN B 46 0.35 6.94 -30.47
CA GLN B 46 -0.90 7.12 -31.21
C GLN B 46 -2.01 6.22 -30.67
N ASN B 47 -1.70 4.95 -30.43
CA ASN B 47 -2.68 4.03 -29.88
C ASN B 47 -3.07 4.39 -28.43
N ARG B 48 -2.11 4.85 -27.64
CA ARG B 48 -2.37 5.21 -26.25
C ARG B 48 -3.21 6.48 -26.15
N ARG B 49 -2.89 7.43 -27.03
CA ARG B 49 -3.60 8.70 -27.16
C ARG B 49 -5.08 8.48 -27.53
N TYR B 50 -5.31 7.52 -28.42
CA TYR B 50 -6.66 7.15 -28.81
C TYR B 50 -7.37 6.52 -27.66
N LYS B 51 -6.83 5.40 -27.22
CA LYS B 51 -7.52 4.52 -26.28
C LYS B 51 -7.90 5.28 -25.00
N SER B 52 -7.10 6.29 -24.64
CA SER B 52 -7.39 7.13 -23.49
C SER B 52 -8.44 8.18 -23.81
N LYS B 53 -9.58 7.70 -24.30
CA LYS B 53 -10.66 8.59 -24.73
C LYS B 53 -11.88 7.76 -25.14
N GLY C 1 -7.24 16.20 16.47
CA GLY C 1 -6.65 16.63 17.73
C GLY C 1 -5.44 15.80 18.14
N ILE C 2 -4.91 15.06 17.18
CA ILE C 2 -3.79 14.15 17.39
C ILE C 2 -2.47 14.90 17.30
N LYS C 3 -1.40 14.34 17.84
CA LYS C 3 -0.06 14.86 17.54
C LYS C 3 1.02 13.76 17.46
N VAL C 4 2.09 14.05 16.73
CA VAL C 4 3.21 13.14 16.51
C VAL C 4 4.48 13.87 16.85
N PHE C 5 5.53 13.13 17.19
CA PHE C 5 6.80 13.75 17.53
C PHE C 5 7.96 12.93 16.96
N LEU C 6 8.90 13.59 16.28
CA LEU C 6 9.97 12.85 15.64
C LEU C 6 11.04 12.44 16.67
N HIS C 7 11.19 11.14 16.88
CA HIS C 7 12.18 10.59 17.78
C HIS C 7 13.57 10.80 17.23
N GLU C 8 14.51 11.17 18.10
CA GLU C 8 15.90 11.47 17.71
C GLU C 8 15.98 12.60 16.69
N ARG C 9 15.36 13.71 17.05
CA ARG C 9 15.25 14.86 16.17
C ARG C 9 16.58 15.56 15.96
N GLU C 10 17.42 15.61 16.97
CA GLU C 10 18.65 16.38 16.83
C GLU C 10 19.55 15.72 15.79
N LEU C 11 19.54 14.40 15.75
CA LEU C 11 20.28 13.66 14.74
C LEU C 11 19.81 13.99 13.32
N TRP C 12 18.49 13.98 13.11
CA TRP C 12 17.93 14.35 11.80
C TRP C 12 18.36 15.74 11.38
N LEU C 13 18.24 16.67 12.32
CA LEU C 13 18.64 18.04 12.13
C LEU C 13 20.11 18.23 11.75
N LYS C 14 21.00 17.41 12.32
CA LYS C 14 22.41 17.45 11.91
C LYS C 14 22.57 17.05 10.44
N PHE C 15 21.89 15.99 10.04
CA PHE C 15 21.89 15.56 8.64
C PHE C 15 21.26 16.61 7.72
N HIS C 16 20.22 17.25 8.23
CA HIS C 16 19.51 18.26 7.49
C HIS C 16 20.43 19.32 7.03
N GLU C 17 21.14 19.93 7.96
CA GLU C 17 21.90 21.14 7.63
C GLU C 17 23.02 20.83 6.64
N VAL C 18 23.55 19.61 6.66
CA VAL C 18 24.55 19.25 5.65
C VAL C 18 23.93 18.98 4.27
N GLY C 19 22.69 18.50 4.20
CA GLY C 19 22.09 18.13 2.94
C GLY C 19 21.90 16.62 2.77
N THR C 20 20.86 16.10 3.44
CA THR C 20 20.63 14.67 3.67
C THR C 20 20.54 13.78 2.44
N GLU C 21 21.23 12.64 2.47
CA GLU C 21 21.22 11.70 1.35
C GLU C 21 20.85 10.30 1.82
N MET C 22 19.80 9.73 1.23
CA MET C 22 19.46 8.34 1.49
C MET C 22 19.89 7.52 0.30
N ILE C 23 20.73 6.52 0.52
CA ILE C 23 21.11 5.60 -0.53
C ILE C 23 19.88 4.77 -0.97
N ILE C 24 19.74 4.52 -2.28
CA ILE C 24 18.75 3.55 -2.78
C ILE C 24 19.43 2.47 -3.61
N THR C 25 18.91 1.26 -3.58
CA THR C 25 19.52 0.17 -4.32
C THR C 25 18.43 -0.72 -4.92
N LYS C 26 18.86 -1.73 -5.65
CA LYS C 26 17.95 -2.64 -6.32
C LYS C 26 17.21 -3.51 -5.29
N ALA C 27 18.01 -4.18 -4.45
CA ALA C 27 17.51 -5.00 -3.34
C ALA C 27 16.67 -4.21 -2.32
N GLY C 28 17.03 -2.97 -2.05
CA GLY C 28 16.30 -2.20 -1.08
C GLY C 28 17.23 -1.79 0.04
N ARG C 29 17.12 -0.55 0.47
CA ARG C 29 17.98 -0.02 1.52
C ARG C 29 17.11 0.74 2.52
N ARG C 30 17.31 0.54 3.81
CA ARG C 30 16.48 1.23 4.78
C ARG C 30 17.07 2.58 5.10
N MET C 31 16.26 3.52 5.55
CA MET C 31 16.78 4.85 5.82
C MET C 31 17.61 4.97 7.10
N PHE C 32 18.69 5.74 7.05
CA PHE C 32 19.35 6.20 8.27
C PHE C 32 19.52 7.70 8.26
N PRO C 33 19.06 8.39 9.33
CA PRO C 33 18.43 7.95 10.56
C PRO C 33 17.15 7.14 10.35
N SER C 34 16.85 6.26 11.30
CA SER C 34 15.64 5.49 11.25
C SER C 34 14.44 6.34 11.66
N TYR C 35 13.36 6.19 10.92
CA TYR C 35 12.17 6.97 11.15
C TYR C 35 11.36 6.36 12.31
N LYS C 36 11.41 7.01 13.46
CA LYS C 36 10.62 6.60 14.61
C LYS C 36 9.81 7.76 15.16
N VAL C 37 8.61 7.49 15.64
CA VAL C 37 7.79 8.56 16.18
C VAL C 37 7.12 8.18 17.50
N LYS C 38 6.71 9.20 18.26
CA LYS C 38 5.81 9.04 19.38
C LYS C 38 4.45 9.62 19.04
N VAL C 39 3.40 8.88 19.33
CA VAL C 39 2.03 9.27 19.00
C VAL C 39 1.16 9.49 20.24
N THR C 40 0.51 10.64 20.35
CA THR C 40 -0.42 10.86 21.47
C THR C 40 -1.82 11.28 21.00
N GLY C 41 -2.76 11.31 21.93
CA GLY C 41 -4.08 11.88 21.66
C GLY C 41 -4.98 11.07 20.74
N LEU C 42 -4.98 9.75 20.92
CA LEU C 42 -5.86 8.89 20.15
C LEU C 42 -6.79 8.18 21.09
N ASN C 43 -7.98 7.87 20.62
CA ASN C 43 -8.88 7.00 21.37
C ASN C 43 -8.21 5.62 21.50
N PRO C 44 -7.98 5.14 22.74
CA PRO C 44 -7.25 3.88 22.89
C PRO C 44 -8.11 2.66 22.64
N LYS C 45 -9.41 2.85 22.53
CA LYS C 45 -10.29 1.73 22.22
C LYS C 45 -10.37 1.56 20.70
N THR C 46 -10.32 2.69 19.99
CA THR C 46 -10.40 2.73 18.53
C THR C 46 -9.22 2.01 17.86
N LYS C 47 -9.50 1.44 16.69
CA LYS C 47 -8.51 0.70 15.88
C LYS C 47 -7.95 1.59 14.80
N TYR C 48 -6.63 1.53 14.58
CA TYR C 48 -5.94 2.42 13.65
C TYR C 48 -4.96 1.69 12.73
N ILE C 49 -4.79 2.22 11.51
CA ILE C 49 -3.72 1.77 10.61
C ILE C 49 -2.67 2.86 10.51
N LEU C 50 -1.41 2.46 10.64
CA LEU C 50 -0.33 3.41 10.46
C LEU C 50 0.56 2.99 9.31
N LEU C 51 0.80 3.95 8.44
CA LEU C 51 1.55 3.69 7.24
C LEU C 51 2.43 4.88 6.94
N MET C 52 3.32 4.70 5.96
CA MET C 52 4.17 5.77 5.49
C MET C 52 4.15 5.81 3.99
N ASP C 53 4.47 6.96 3.45
CA ASP C 53 4.79 7.06 2.03
C ASP C 53 5.81 8.15 1.85
N ILE C 54 6.55 8.07 0.76
CA ILE C 54 7.52 9.09 0.46
C ILE C 54 7.03 9.77 -0.79
N VAL C 55 7.00 11.09 -0.75
CA VAL C 55 6.51 11.89 -1.86
C VAL C 55 7.53 12.97 -2.26
N PRO C 56 7.51 13.36 -3.55
CA PRO C 56 8.43 14.35 -4.13
C PRO C 56 8.46 15.71 -3.42
N ALA C 57 9.66 16.18 -3.08
CA ALA C 57 9.82 17.47 -2.40
C ALA C 57 9.56 18.67 -3.33
N ASP C 58 9.97 18.52 -4.59
CA ASP C 58 9.78 19.52 -5.63
C ASP C 58 10.02 18.88 -7.00
N ASP C 59 9.86 19.68 -8.05
CA ASP C 59 9.96 19.21 -9.43
C ASP C 59 11.33 19.55 -10.02
N HIS C 60 12.39 18.94 -9.48
CA HIS C 60 13.74 19.21 -9.94
C HIS C 60 14.62 17.99 -9.87
N ARG C 61 15.50 17.84 -10.85
CA ARG C 61 16.58 16.86 -10.76
C ARG C 61 17.78 17.58 -10.19
N TYR C 62 18.74 16.87 -9.61
CA TYR C 62 19.90 17.56 -9.03
C TYR C 62 21.22 16.95 -9.47
N LYS C 63 22.32 17.79 -9.35
CA LYS C 63 23.64 17.27 -9.66
C LYS C 63 24.59 17.77 -8.61
N PHE C 64 25.46 16.88 -8.18
CA PHE C 64 26.51 17.25 -7.23
C PHE C 64 27.85 17.41 -7.90
N ALA C 65 28.19 18.63 -8.30
CA ALA C 65 29.61 18.98 -8.47
C ALA C 65 30.06 19.63 -7.16
N ASP C 66 31.15 20.39 -7.23
CA ASP C 66 31.34 21.63 -6.47
C ASP C 66 31.28 21.20 -4.98
N ASN C 67 30.55 21.89 -4.06
CA ASN C 67 30.42 21.34 -2.70
C ASN C 67 28.91 21.45 -2.65
N LYS C 68 28.36 22.20 -3.61
CA LYS C 68 26.96 22.59 -3.65
C LYS C 68 25.99 21.53 -4.28
N TRP C 69 24.70 21.61 -3.98
CA TRP C 69 23.72 20.90 -4.82
C TRP C 69 23.12 21.88 -5.85
N SER C 70 22.91 21.41 -6.99
CA SER C 70 22.36 22.27 -8.05
C SER C 70 21.16 21.70 -8.78
N VAL C 71 20.23 22.56 -9.17
CA VAL C 71 19.15 22.15 -10.05
C VAL C 71 19.68 21.89 -11.46
N THR C 72 19.48 20.67 -11.95
CA THR C 72 19.92 20.25 -13.27
C THR C 72 18.84 20.47 -14.29
N GLY C 73 17.63 20.02 -13.97
CA GLY C 73 16.52 20.14 -14.90
C GLY C 73 15.16 19.87 -14.26
N LYS C 74 14.25 19.29 -15.04
CA LYS C 74 12.94 18.91 -14.53
C LYS C 74 12.98 17.49 -14.01
N ALA C 75 12.16 17.24 -12.99
CA ALA C 75 12.06 15.92 -12.37
C ALA C 75 11.39 14.93 -13.31
N GLU C 76 11.49 13.65 -12.98
CA GLU C 76 10.73 12.61 -13.66
C GLU C 76 9.26 12.83 -13.37
N PRO C 77 8.39 12.17 -14.13
CA PRO C 77 7.00 12.19 -13.68
C PRO C 77 6.80 11.08 -12.67
N ALA C 78 5.94 11.33 -11.68
CA ALA C 78 5.68 10.37 -10.63
C ALA C 78 4.77 9.22 -11.11
N MET C 79 5.11 8.00 -10.72
CA MET C 79 4.25 6.83 -10.94
C MET C 79 3.62 6.47 -9.59
N PRO C 80 2.66 5.57 -9.58
CA PRO C 80 1.97 5.18 -8.35
C PRO C 80 2.93 4.88 -7.22
N GLY C 81 3.13 5.84 -6.32
CA GLY C 81 4.00 5.65 -5.18
C GLY C 81 3.45 4.62 -4.22
N ARG C 82 4.32 3.73 -3.74
CA ARG C 82 3.90 2.67 -2.85
C ARG C 82 3.79 3.17 -1.40
N LEU C 83 3.26 2.30 -0.54
CA LEU C 83 3.19 2.57 0.90
C LEU C 83 3.89 1.50 1.72
N TYR C 84 4.39 1.91 2.88
CA TYR C 84 4.82 0.97 3.92
C TYR C 84 3.77 0.99 5.00
N VAL C 85 3.02 -0.10 5.12
CA VAL C 85 2.04 -0.21 6.17
C VAL C 85 2.69 -0.94 7.32
N HIS C 86 2.69 -0.33 8.50
CA HIS C 86 3.44 -0.85 9.64
C HIS C 86 2.89 -2.19 10.06
N PRO C 87 3.78 -3.17 10.26
CA PRO C 87 3.32 -4.54 10.41
C PRO C 87 2.41 -4.76 11.63
N ASP C 88 2.37 -3.81 12.56
CA ASP C 88 1.47 -3.93 13.69
C ASP C 88 0.07 -3.41 13.31
N SER C 89 -0.12 -2.97 12.06
CA SER C 89 -1.43 -2.51 11.59
C SER C 89 -2.38 -3.65 11.21
N PRO C 90 -3.64 -3.58 11.64
CA PRO C 90 -4.15 -2.49 12.48
C PRO C 90 -3.99 -2.79 13.96
N ALA C 91 -3.97 -1.76 14.79
CA ALA C 91 -3.82 -1.94 16.21
C ALA C 91 -4.58 -0.88 16.97
N THR C 92 -4.77 -1.12 18.26
CA THR C 92 -5.54 -0.23 19.08
C THR C 92 -4.71 1.01 19.35
N GLY C 93 -5.38 2.17 19.37
CA GLY C 93 -4.73 3.42 19.70
C GLY C 93 -3.83 3.27 20.91
N ALA C 94 -4.30 2.49 21.88
CA ALA C 94 -3.48 2.17 23.04
C ALA C 94 -2.13 1.61 22.59
N HIS C 95 -2.13 0.54 21.80
CA HIS C 95 -0.90 -0.11 21.38
C HIS C 95 0.12 0.81 20.69
N TRP C 96 -0.35 1.71 19.83
CA TRP C 96 0.55 2.62 19.12
C TRP C 96 1.26 3.53 20.09
N MET C 97 0.53 4.01 21.09
CA MET C 97 1.07 4.93 22.10
C MET C 97 1.92 4.27 23.21
N ARG C 98 1.81 2.96 23.41
CA ARG C 98 2.48 2.39 24.58
C ARG C 98 3.98 2.23 24.32
N GLN C 99 4.44 2.78 23.22
CA GLN C 99 5.84 2.63 22.82
C GLN C 99 6.09 3.38 21.51
N LEU C 100 7.37 3.48 21.16
CA LEU C 100 7.78 4.22 19.98
C LEU C 100 7.41 3.48 18.71
N VAL C 101 6.55 4.08 17.89
CA VAL C 101 6.23 3.50 16.59
C VAL C 101 7.43 3.71 15.67
N SER C 102 7.96 2.60 15.17
CA SER C 102 9.21 2.61 14.42
C SER C 102 9.03 1.98 13.07
N PHE C 103 9.26 2.78 12.04
CA PHE C 103 9.25 2.27 10.68
C PHE C 103 10.66 1.93 10.24
N GLN C 104 11.39 1.19 11.05
CA GLN C 104 12.81 1.08 10.82
C GLN C 104 13.12 0.11 9.69
N LYS C 105 12.21 -0.79 9.42
CA LYS C 105 12.50 -1.81 8.41
C LYS C 105 12.02 -1.45 6.99
N LEU C 106 11.48 -0.24 6.82
CA LEU C 106 11.09 0.29 5.51
C LEU C 106 12.28 0.40 4.56
N LYS C 107 12.15 -0.07 3.33
CA LYS C 107 13.32 -0.04 2.46
C LYS C 107 13.09 0.73 1.16
N LEU C 108 14.14 1.37 0.67
CA LEU C 108 14.06 2.23 -0.49
C LEU C 108 14.65 1.52 -1.68
N THR C 109 14.04 1.66 -2.83
CA THR C 109 14.51 0.92 -3.99
C THR C 109 14.52 1.84 -5.23
N ASN C 110 15.40 1.50 -6.18
CA ASN C 110 15.49 2.30 -7.39
C ASN C 110 14.88 1.52 -8.56
N ASN C 111 14.47 0.29 -8.28
CA ASN C 111 13.98 -0.57 -9.35
C ASN C 111 12.47 -0.45 -9.57
N HIS C 112 12.07 -0.04 -10.76
CA HIS C 112 10.68 0.31 -10.98
C HIS C 112 9.79 -0.91 -11.18
N LEU C 113 10.35 -2.08 -10.99
CA LEU C 113 9.60 -3.29 -11.15
C LEU C 113 9.78 -4.13 -9.92
N ASP C 114 10.05 -3.48 -8.79
CA ASP C 114 10.37 -4.21 -7.59
C ASP C 114 9.17 -5.04 -7.14
N PRO C 115 9.39 -6.35 -6.93
CA PRO C 115 8.38 -7.32 -6.47
C PRO C 115 8.30 -7.46 -4.95
N PHE C 116 9.27 -6.91 -4.22
CA PHE C 116 9.29 -7.03 -2.75
C PHE C 116 8.31 -6.07 -2.08
N GLY C 117 8.03 -4.96 -2.76
CA GLY C 117 7.02 -4.03 -2.29
C GLY C 117 7.62 -2.82 -1.63
N HIS C 118 8.96 -2.80 -1.64
CA HIS C 118 9.76 -1.67 -1.19
C HIS C 118 9.34 -0.40 -1.85
N ILE C 119 9.53 0.74 -1.20
CA ILE C 119 9.22 2.02 -1.85
C ILE C 119 10.24 2.34 -2.93
N ILE C 120 9.73 2.69 -4.11
CA ILE C 120 10.58 2.99 -5.27
C ILE C 120 10.83 4.46 -5.38
N LEU C 121 12.10 4.84 -5.44
CA LEU C 121 12.46 6.25 -5.66
C LEU C 121 13.25 6.46 -6.94
N ASN C 122 13.32 7.71 -7.38
CA ASN C 122 14.16 8.10 -8.50
C ASN C 122 15.44 8.72 -7.99
N SER C 123 16.56 8.18 -8.42
CA SER C 123 17.84 8.74 -8.05
C SER C 123 17.94 10.21 -8.42
N MET C 124 18.60 10.94 -7.54
CA MET C 124 18.88 12.37 -7.69
C MET C 124 17.65 13.27 -7.62
N HIS C 125 16.52 12.73 -7.22
CA HIS C 125 15.41 13.62 -6.91
C HIS C 125 15.32 13.80 -5.40
N LYS C 126 14.59 14.82 -4.96
CA LYS C 126 14.52 15.17 -3.55
C LYS C 126 13.16 14.73 -3.00
N TYR C 127 13.15 14.10 -1.82
CA TYR C 127 11.93 13.48 -1.31
C TYR C 127 11.54 13.88 0.10
N GLN C 128 10.26 13.69 0.42
CA GLN C 128 9.69 14.05 1.70
C GLN C 128 8.82 12.92 2.29
N PRO C 129 9.26 12.29 3.41
CA PRO C 129 8.51 11.19 4.03
C PRO C 129 7.26 11.67 4.75
N ARG C 130 6.15 10.95 4.65
CA ARG C 130 4.93 11.37 5.32
C ARG C 130 4.35 10.22 6.14
N LEU C 131 3.84 10.53 7.32
CA LEU C 131 3.18 9.53 8.15
C LEU C 131 1.68 9.70 8.03
N HIS C 132 0.96 8.60 7.85
CA HIS C 132 -0.49 8.63 7.72
C HIS C 132 -1.16 7.73 8.76
N ILE C 133 -2.16 8.28 9.44
CA ILE C 133 -2.89 7.53 10.46
C ILE C 133 -4.35 7.35 10.08
N VAL C 134 -4.66 6.20 9.46
CA VAL C 134 -6.02 5.90 9.03
C VAL C 134 -6.84 5.33 10.18
N LYS C 135 -8.17 5.39 10.04
CA LYS C 135 -9.07 4.88 11.06
C LYS C 135 -9.49 3.45 10.77
N ALA C 136 -10.48 2.96 11.51
CA ALA C 136 -10.97 1.60 11.31
C ALA C 136 -12.12 1.51 12.31
N ASP C 137 -13.25 0.97 11.85
CA ASP C 137 -14.43 0.83 12.69
C ASP C 137 -14.33 -0.59 13.25
N THR C 147 -12.21 12.62 12.44
CA THR C 147 -11.63 12.36 13.78
C THR C 147 -10.29 11.55 13.67
N ALA C 148 -9.91 11.17 12.46
CA ALA C 148 -8.66 10.40 12.32
C ALA C 148 -7.76 10.76 11.16
N PHE C 149 -8.24 11.14 9.97
CA PHE C 149 -7.38 10.86 8.78
C PHE C 149 -6.30 11.88 8.42
N CYS C 150 -5.07 11.42 8.52
CA CYS C 150 -4.04 12.34 8.91
C CYS C 150 -2.72 11.99 8.28
N THR C 151 -2.03 13.10 8.38
CA THR C 151 -0.82 13.16 7.62
C THR C 151 0.10 14.09 8.35
N HIS C 152 1.22 13.56 8.82
CA HIS C 152 2.18 14.43 9.47
C HIS C 152 3.48 14.42 8.71
N VAL C 153 4.04 15.61 8.60
CA VAL C 153 5.19 15.84 7.76
C VAL C 153 6.20 16.68 8.55
N PHE C 154 7.39 16.11 8.78
CA PHE C 154 8.48 16.84 9.41
C PHE C 154 9.41 17.30 8.32
N PRO C 155 9.59 18.63 8.16
CA PRO C 155 10.39 19.07 7.01
C PRO C 155 11.87 18.73 7.19
N GLU C 156 12.27 18.21 8.34
CA GLU C 156 13.65 17.84 8.57
C GLU C 156 14.00 16.41 8.10
N THR C 157 12.98 15.59 7.86
CA THR C 157 13.23 14.24 7.33
C THR C 157 13.27 14.21 5.79
N ALA C 158 13.23 15.37 5.14
CA ALA C 158 13.36 15.43 3.67
C ALA C 158 14.81 15.08 3.24
N PHE C 159 14.97 14.57 2.01
CA PHE C 159 16.27 14.07 1.55
C PHE C 159 16.37 13.89 0.05
N ILE C 160 17.60 13.81 -0.46
CA ILE C 160 17.83 13.49 -1.86
C ILE C 160 18.17 12.02 -1.97
N ALA C 161 17.42 11.26 -2.76
CA ALA C 161 17.76 9.84 -2.96
C ALA C 161 18.99 9.74 -3.83
N VAL C 162 19.91 8.83 -3.53
CA VAL C 162 21.10 8.67 -4.36
C VAL C 162 21.53 7.22 -4.50
N THR C 163 22.28 6.93 -5.54
CA THR C 163 22.67 5.57 -5.83
C THR C 163 23.96 5.28 -5.10
N SER C 164 24.65 6.37 -4.74
CA SER C 164 25.85 6.32 -3.91
C SER C 164 26.09 7.69 -3.28
N TYR C 165 27.07 7.81 -2.42
CA TYR C 165 27.20 9.04 -1.65
C TYR C 165 27.89 10.18 -2.40
N GLN C 166 27.35 11.38 -2.22
CA GLN C 166 27.89 12.56 -2.88
C GLN C 166 28.79 13.35 -1.92
N ASN C 167 28.15 14.17 -1.10
CA ASN C 167 28.85 14.92 -0.07
C ASN C 167 29.54 13.95 0.91
N HIS C 168 30.86 13.98 1.02
CA HIS C 168 31.51 12.98 1.87
C HIS C 168 31.34 13.31 3.38
N LYS C 169 30.67 14.43 3.66
CA LYS C 169 30.32 14.79 5.03
C LYS C 169 29.19 13.92 5.52
N ILE C 170 28.13 13.82 4.72
CA ILE C 170 27.03 12.90 4.98
C ILE C 170 27.55 11.48 5.17
N THR C 171 28.47 11.04 4.30
CA THR C 171 29.07 9.72 4.45
C THR C 171 29.59 9.49 5.86
N GLN C 172 30.46 10.39 6.31
CA GLN C 172 31.04 10.29 7.64
C GLN C 172 30.01 10.51 8.76
N LEU C 173 29.06 11.42 8.55
CA LEU C 173 28.00 11.64 9.52
C LEU C 173 27.16 10.35 9.70
N LYS C 174 27.14 9.52 8.67
CA LYS C 174 26.48 8.23 8.74
C LYS C 174 27.36 7.13 9.35
N ILE C 175 28.67 7.26 9.24
CA ILE C 175 29.55 6.25 9.77
C ILE C 175 29.65 6.45 11.28
N GLU C 176 29.72 7.71 11.68
CA GLU C 176 29.77 8.04 13.09
C GLU C 176 28.55 7.47 13.81
N ASN C 177 27.36 7.59 13.20
CA ASN C 177 26.12 7.29 13.93
C ASN C 177 25.41 5.95 13.67
N ASN C 178 25.72 5.26 12.58
CA ASN C 178 25.01 4.01 12.28
C ASN C 178 25.76 2.77 12.71
N PRO C 179 25.31 2.12 13.80
CA PRO C 179 25.93 0.95 14.45
C PRO C 179 26.45 -0.09 13.45
N PHE C 180 25.72 -0.27 12.35
CA PHE C 180 26.11 -1.24 11.34
C PHE C 180 27.39 -0.80 10.61
N ALA C 181 27.55 0.51 10.49
CA ALA C 181 28.71 1.07 9.82
C ALA C 181 29.92 1.17 10.74
N LYS C 182 29.85 0.58 11.93
CA LYS C 182 30.90 0.78 12.95
C LYS C 182 32.30 0.52 12.40
N GLY C 183 32.52 -0.65 11.80
CA GLY C 183 33.83 -1.04 11.30
C GLY C 183 34.62 -0.02 10.48
N PHE C 184 33.90 0.96 9.93
CA PHE C 184 34.52 2.04 9.15
C PHE C 184 34.89 3.27 9.98
N ARG C 185 34.62 3.24 11.28
CA ARG C 185 35.01 4.33 12.18
C ARG C 185 36.54 4.32 12.39
N GLY C 186 37.11 5.47 12.71
CA GLY C 186 38.56 5.57 12.83
C GLY C 186 39.09 6.99 13.03
N ARG D 1 19.32 -23.95 15.34
CA ARG D 1 20.03 -23.29 14.25
C ARG D 1 19.10 -23.00 13.06
N VAL D 2 17.81 -23.35 13.19
CA VAL D 2 16.86 -23.08 12.10
C VAL D 2 15.66 -22.20 12.49
N LEU D 3 15.41 -21.15 11.69
CA LEU D 3 14.30 -20.23 11.89
C LEU D 3 13.01 -20.84 11.37
N PHE D 4 11.89 -20.35 11.86
CA PHE D 4 10.63 -20.82 11.35
C PHE D 4 10.27 -20.10 10.06
N SER D 5 9.57 -20.81 9.17
CA SER D 5 9.04 -20.22 7.96
C SER D 5 8.11 -19.10 8.34
N GLN D 6 7.98 -18.11 7.47
CA GLN D 6 7.15 -16.98 7.84
C GLN D 6 5.69 -17.43 7.98
N ALA D 7 5.33 -18.51 7.28
CA ALA D 7 4.00 -19.10 7.47
C ALA D 7 3.78 -19.54 8.92
N GLN D 8 4.80 -20.17 9.52
CA GLN D 8 4.65 -20.68 10.87
C GLN D 8 4.55 -19.53 11.84
N VAL D 9 5.58 -18.70 11.86
CA VAL D 9 5.63 -17.55 12.75
C VAL D 9 4.36 -16.71 12.69
N TYR D 10 3.76 -16.65 11.52
CA TYR D 10 2.54 -15.88 11.35
C TYR D 10 1.41 -16.44 12.20
N GLU D 11 1.14 -17.73 12.03
CA GLU D 11 0.10 -18.39 12.82
C GLU D 11 0.40 -18.38 14.32
N LEU D 12 1.64 -18.68 14.69
CA LEU D 12 2.05 -18.68 16.09
C LEU D 12 1.73 -17.34 16.71
N GLU D 13 1.88 -16.28 15.92
CA GLU D 13 1.55 -14.93 16.34
C GLU D 13 0.04 -14.67 16.40
N ARG D 14 -0.72 -15.21 15.46
CA ARG D 14 -2.16 -15.01 15.46
C ARG D 14 -2.78 -15.61 16.73
N ARG D 15 -2.35 -16.83 17.09
CA ARG D 15 -2.80 -17.52 18.32
C ARG D 15 -2.46 -16.73 19.55
N PHE D 16 -1.22 -16.27 19.61
CA PHE D 16 -0.73 -15.56 20.77
C PHE D 16 -1.53 -14.27 21.04
N LYS D 17 -1.99 -13.64 19.97
CA LYS D 17 -2.83 -12.44 20.09
C LYS D 17 -4.26 -12.81 20.53
N GLN D 18 -4.58 -14.10 20.45
CA GLN D 18 -5.87 -14.60 20.93
C GLN D 18 -5.78 -15.05 22.38
N GLN D 19 -4.70 -15.73 22.73
CA GLN D 19 -4.55 -16.34 24.06
C GLN D 19 -3.09 -16.69 24.38
N ARG D 20 -2.56 -16.11 25.44
CA ARG D 20 -1.14 -16.24 25.74
C ARG D 20 -0.75 -17.63 26.30
N TYR D 21 -1.75 -18.45 26.60
CA TYR D 21 -1.50 -19.78 27.14
C TYR D 21 -2.33 -20.84 26.42
N LEU D 22 -1.66 -21.90 25.98
CA LEU D 22 -2.32 -23.03 25.37
C LEU D 22 -2.29 -24.21 26.32
N SER D 23 -3.28 -25.10 26.21
CA SER D 23 -3.25 -26.34 26.98
C SER D 23 -2.44 -27.39 26.23
N ALA D 24 -2.14 -28.50 26.89
CA ALA D 24 -1.38 -29.58 26.26
C ALA D 24 -2.03 -30.11 24.96
N PRO D 25 -3.36 -30.29 24.92
CA PRO D 25 -3.91 -30.75 23.64
C PRO D 25 -4.03 -29.68 22.53
N GLU D 26 -4.10 -28.40 22.88
CA GLU D 26 -4.14 -27.36 21.86
C GLU D 26 -2.80 -27.32 21.15
N ARG D 27 -1.73 -27.39 21.93
CA ARG D 27 -0.36 -27.47 21.39
C ARG D 27 -0.15 -28.58 20.37
N ASP D 28 -0.47 -29.81 20.76
CA ASP D 28 -0.32 -30.98 19.90
C ASP D 28 -1.01 -30.76 18.57
N GLN D 29 -2.18 -30.15 18.62
CA GLN D 29 -2.92 -29.83 17.41
C GLN D 29 -2.12 -28.82 16.56
N LEU D 30 -2.07 -27.58 17.05
CA LEU D 30 -1.29 -26.50 16.45
C LEU D 30 0.03 -26.99 15.84
N ALA D 31 0.75 -27.86 16.57
CA ALA D 31 1.96 -28.48 16.07
C ALA D 31 1.77 -29.15 14.71
N SER D 32 1.02 -30.25 14.63
CA SER D 32 0.97 -30.99 13.36
C SER D 32 0.39 -30.15 12.19
N VAL D 33 -0.40 -29.14 12.51
CA VAL D 33 -0.85 -28.16 11.54
C VAL D 33 0.33 -27.35 10.99
N LEU D 34 1.14 -26.83 11.89
CA LEU D 34 2.27 -25.98 11.52
C LEU D 34 3.50 -26.81 11.17
N LYS D 35 3.40 -28.11 11.43
CA LYS D 35 4.50 -29.04 11.18
C LYS D 35 5.72 -28.67 12.00
N LEU D 36 5.45 -28.40 13.27
CA LEU D 36 6.45 -28.23 14.31
C LEU D 36 6.18 -29.30 15.38
N THR D 37 7.15 -29.53 16.26
CA THR D 37 6.95 -30.40 17.42
C THR D 37 6.18 -29.67 18.51
N SER D 38 5.61 -30.41 19.45
CA SER D 38 4.92 -29.77 20.58
C SER D 38 5.89 -28.92 21.37
N THR D 39 7.10 -29.42 21.55
CA THR D 39 8.13 -28.68 22.30
C THR D 39 8.43 -27.31 21.70
N GLN D 40 8.43 -27.23 20.37
CA GLN D 40 8.77 -25.99 19.70
C GLN D 40 7.71 -24.94 19.91
N VAL D 41 6.47 -25.39 19.95
CA VAL D 41 5.35 -24.50 20.17
C VAL D 41 5.26 -24.08 21.64
N LYS D 42 5.41 -25.04 22.55
CA LYS D 42 5.49 -24.74 23.98
C LYS D 42 6.58 -23.72 24.28
N ILE D 43 7.73 -23.85 23.60
CA ILE D 43 8.83 -22.94 23.80
C ILE D 43 8.65 -21.61 23.05
N TRP D 44 8.04 -21.62 21.87
CA TRP D 44 7.75 -20.35 21.20
C TRP D 44 6.86 -19.48 22.13
N PHE D 45 5.85 -20.08 22.75
CA PHE D 45 4.98 -19.30 23.64
C PHE D 45 5.72 -18.86 24.88
N GLN D 46 6.60 -19.72 25.39
CA GLN D 46 7.43 -19.31 26.50
C GLN D 46 8.31 -18.14 26.10
N ASN D 47 9.07 -18.29 25.01
CA ASN D 47 9.98 -17.25 24.56
C ASN D 47 9.22 -15.99 24.14
N ARG D 48 7.95 -16.14 23.79
CA ARG D 48 7.13 -15.00 23.39
C ARG D 48 6.50 -14.28 24.57
N ARG D 49 6.04 -15.02 25.59
CA ARG D 49 5.42 -14.39 26.76
C ARG D 49 6.44 -13.57 27.51
N TYR D 50 7.70 -13.97 27.40
CA TYR D 50 8.79 -13.30 28.07
C TYR D 50 9.16 -12.02 27.38
N LYS D 51 9.12 -12.01 26.06
CA LYS D 51 9.46 -10.84 25.27
C LYS D 51 8.36 -9.77 25.37
N SER D 52 7.14 -10.21 25.65
CA SER D 52 6.01 -9.30 25.78
C SER D 52 6.23 -8.31 26.91
N LYS D 53 7.42 -8.34 27.50
CA LYS D 53 7.76 -7.44 28.60
C LYS D 53 9.19 -6.94 28.48
#